data_7PZS
#
_entry.id   7PZS
#
_cell.length_a   35.517
_cell.length_b   67.430
_cell.length_c   62.942
_cell.angle_alpha   90.00
_cell.angle_beta   90.39
_cell.angle_gamma   90.00
#
_symmetry.space_group_name_H-M   'P 1 21 1'
#
loop_
_entity.id
_entity.type
_entity.pdbx_description
1 polymer 'UDP-3-O-acyl-N-acetylglucosamine deacetylase'
2 non-polymer 'ZINC ION'
3 non-polymer (2S,4S)-N-((3R,5R)-5-((2-chloro-4-((4-(morpholinomethyl)phenyl)ethynyl)benzamido)methyl)-1-(cyclopropanecarbonyl)pyrrolidin-3-yl)-4-fluoropyrrolidine-2-carboxamide
4 water water
#
_entity_poly.entity_id   1
_entity_poly.type   'polypeptide(L)'
_entity_poly.pdbx_seq_one_letter_code
;HHHHHHENLYFQSMIKQRTLKNIIRATGVGLHSGEKVYLTLKPAPVDTGIVFSRTDLDPVVEIPARAENVGETTMSTTLV
KGDVKVDTVEHLLSAMAGLGIDNAYVELSASEVPIMDGSAGPFVFLIQSAGLQEQEAAKKFIRIKREVSVEEGDKRAVFV
PFDGFKVSFEIDFDHPVFRGRTQQASVDFSSTSFVKEVSRARTFGFMRDIEYLRSQNLALGGSVENAIVVDENRVLNEDG
LRYEDEFVKHKILDAIGDLYLLGNSLIGEFRGFKSGHALNNQLLRTLIADKDAWEVVTFEDARTAPISYMRP
;
_entity_poly.pdbx_strand_id   A
#
loop_
_chem_comp.id
_chem_comp.type
_chem_comp.name
_chem_comp.formula
98O non-polymer (2S,4S)-N-((3R,5R)-5-((2-chloro-4-((4-(morpholinomethyl)phenyl)ethynyl)benzamido)methyl)-1-(cyclopropanecarbonyl)pyrrolidin-3-yl)-4-fluoropyrrolidine-2-carboxamide 'C34 H39 Cl F N5 O4'
ZN non-polymer 'ZINC ION' 'Zn 2'
#
# COMPACT_ATOMS: atom_id res chain seq x y z
N MET A 14 11.74 -16.84 17.71
CA MET A 14 10.54 -17.03 16.84
C MET A 14 10.00 -15.66 16.41
N ILE A 15 9.47 -15.59 15.19
CA ILE A 15 8.94 -14.33 14.59
C ILE A 15 7.49 -14.16 15.06
N LYS A 16 7.26 -13.05 15.78
CA LYS A 16 6.01 -12.81 16.54
C LYS A 16 5.17 -11.73 15.84
N GLN A 17 3.86 -11.77 16.07
CA GLN A 17 2.93 -10.69 15.64
C GLN A 17 3.39 -9.37 16.27
N ARG A 18 3.19 -8.28 15.52
CA ARG A 18 3.42 -6.91 16.01
C ARG A 18 2.15 -6.10 15.90
N THR A 19 1.94 -5.25 16.90
CA THR A 19 0.98 -4.13 16.84
C THR A 19 1.74 -2.85 17.13
N LEU A 20 1.00 -1.75 17.27
CA LEU A 20 1.51 -0.45 17.79
C LEU A 20 1.70 -0.54 19.30
N LYS A 21 2.73 0.14 19.80
CA LYS A 21 2.98 0.35 21.25
C LYS A 21 2.00 1.41 21.77
N ASN A 22 1.78 2.48 21.01
CA ASN A 22 0.96 3.66 21.39
C ASN A 22 0.01 4.03 20.25
N ILE A 23 -1.03 4.81 20.55
CA ILE A 23 -2.00 5.31 19.52
C ILE A 23 -1.35 6.48 18.76
N ILE A 24 -1.67 6.65 17.47
CA ILE A 24 -1.22 7.80 16.62
C ILE A 24 -2.46 8.55 16.11
N ARG A 25 -2.45 9.87 16.28
CA ARG A 25 -3.48 10.81 15.77
C ARG A 25 -2.81 11.65 14.69
N ALA A 26 -3.42 11.73 13.50
CA ALA A 26 -2.92 12.54 12.36
C ALA A 26 -4.10 13.19 11.63
N THR A 27 -3.81 14.26 10.93
CA THR A 27 -4.79 15.15 10.25
C THR A 27 -4.36 15.23 8.77
N GLY A 28 -5.32 15.28 7.84
CA GLY A 28 -5.02 15.54 6.42
C GLY A 28 -6.25 15.82 5.57
N VAL A 29 -6.05 15.80 4.24
CA VAL A 29 -7.15 15.96 3.24
CA VAL A 29 -7.12 15.98 3.21
C VAL A 29 -7.22 14.71 2.37
N GLY A 30 -8.43 14.33 1.96
CA GLY A 30 -8.63 13.27 0.97
C GLY A 30 -8.32 13.75 -0.43
N LEU A 31 -7.50 13.01 -1.16
CA LEU A 31 -7.06 13.35 -2.55
C LEU A 31 -8.28 13.62 -3.41
N HIS A 32 -9.25 12.72 -3.41
CA HIS A 32 -10.46 12.82 -4.28
C HIS A 32 -11.50 13.69 -3.61
N SER A 33 -11.80 13.43 -2.35
CA SER A 33 -12.91 14.08 -1.62
C SER A 33 -12.61 15.58 -1.41
N GLY A 34 -11.33 15.93 -1.25
CA GLY A 34 -10.90 17.25 -0.73
C GLY A 34 -11.35 17.49 0.71
N GLU A 35 -11.77 16.44 1.44
CA GLU A 35 -12.32 16.53 2.81
C GLU A 35 -11.18 16.46 3.82
N LYS A 36 -11.19 17.34 4.83
CA LYS A 36 -10.36 17.22 6.05
C LYS A 36 -10.76 15.93 6.75
N VAL A 37 -9.78 15.15 7.20
CA VAL A 37 -10.02 13.85 7.86
C VAL A 37 -9.07 13.72 9.05
N TYR A 38 -9.60 13.16 10.16
CA TYR A 38 -8.90 12.87 11.42
C TYR A 38 -8.64 11.37 11.45
N LEU A 39 -7.38 11.01 11.59
CA LEU A 39 -6.89 9.61 11.53
C LEU A 39 -6.40 9.21 12.91
N THR A 40 -6.91 8.10 13.44
CA THR A 40 -6.36 7.49 14.67
C THR A 40 -5.89 6.05 14.36
N LEU A 41 -4.59 5.78 14.56
CA LEU A 41 -4.03 4.41 14.52
C LEU A 41 -3.97 3.89 15.95
N LYS A 42 -4.57 2.73 16.20
CA LYS A 42 -4.66 2.11 17.54
C LYS A 42 -4.02 0.73 17.51
N PRO A 43 -3.32 0.34 18.59
CA PRO A 43 -2.99 -1.06 18.80
C PRO A 43 -4.26 -1.92 18.61
N ALA A 44 -4.05 -3.24 18.45
CA ALA A 44 -5.11 -4.25 18.26
C ALA A 44 -4.58 -5.56 18.82
N PRO A 45 -5.47 -6.48 19.29
CA PRO A 45 -5.05 -7.81 19.69
C PRO A 45 -4.49 -8.73 18.58
N VAL A 46 -3.89 -9.84 19.02
CA VAL A 46 -3.36 -10.94 18.17
C VAL A 46 -4.47 -11.44 17.23
N ASP A 47 -4.17 -11.55 15.93
CA ASP A 47 -5.05 -12.21 14.93
C ASP A 47 -6.22 -11.29 14.54
N THR A 48 -6.15 -10.00 14.85
CA THR A 48 -7.11 -8.97 14.39
C THR A 48 -6.90 -8.64 12.91
N GLY A 49 -5.65 -8.48 12.49
CA GLY A 49 -5.31 -7.92 11.16
C GLY A 49 -5.42 -6.41 11.20
N ILE A 50 -5.44 -5.78 10.03
CA ILE A 50 -5.66 -4.32 9.84
C ILE A 50 -7.15 -4.10 9.56
N VAL A 51 -7.81 -3.30 10.41
CA VAL A 51 -9.27 -3.04 10.35
C VAL A 51 -9.49 -1.53 10.26
N PHE A 52 -10.12 -1.07 9.18
CA PHE A 52 -10.49 0.35 8.96
C PHE A 52 -11.89 0.59 9.54
N SER A 53 -12.06 1.72 10.19
CA SER A 53 -13.22 2.00 11.06
C SER A 53 -13.68 3.44 10.86
N ARG A 54 -14.91 3.60 10.34
CA ARG A 54 -15.56 4.90 10.05
C ARG A 54 -16.29 5.36 11.32
N THR A 55 -15.62 6.19 12.13
CA THR A 55 -16.08 6.64 13.48
C THR A 55 -17.07 7.81 13.37
N ASP A 56 -17.17 8.42 12.18
CA ASP A 56 -18.11 9.53 11.88
C ASP A 56 -19.55 9.00 11.76
N LEU A 57 -19.74 7.68 11.68
CA LEU A 57 -21.07 7.06 11.50
C LEU A 57 -21.60 6.54 12.83
N ASP A 58 -22.94 6.45 12.94
CA ASP A 58 -23.68 5.84 14.07
C ASP A 58 -24.74 4.90 13.51
N PRO A 59 -24.55 3.57 13.63
CA PRO A 59 -23.39 3.01 14.31
C PRO A 59 -22.08 3.13 13.51
N VAL A 60 -20.95 3.16 14.21
CA VAL A 60 -19.56 2.99 13.69
C VAL A 60 -19.52 1.77 12.77
N VAL A 61 -18.85 1.88 11.62
CA VAL A 61 -18.70 0.78 10.60
C VAL A 61 -17.20 0.43 10.44
N GLU A 62 -16.90 -0.88 10.51
CA GLU A 62 -15.53 -1.49 10.50
C GLU A 62 -15.40 -2.48 9.32
N ILE A 63 -14.45 -2.22 8.42
CA ILE A 63 -14.11 -3.07 7.24
C ILE A 63 -12.70 -3.60 7.44
N PRO A 64 -12.51 -4.93 7.62
CA PRO A 64 -11.16 -5.52 7.63
C PRO A 64 -10.50 -5.24 6.27
N ALA A 65 -9.22 -4.87 6.29
CA ALA A 65 -8.42 -4.57 5.08
C ALA A 65 -8.04 -5.90 4.44
N ARG A 66 -8.95 -6.44 3.62
CA ARG A 66 -8.87 -7.80 3.06
C ARG A 66 -9.40 -7.77 1.61
N ALA A 67 -8.94 -8.70 0.78
CA ALA A 67 -9.18 -8.68 -0.68
C ALA A 67 -10.68 -8.81 -0.99
N GLU A 68 -11.39 -9.59 -0.17
CA GLU A 68 -12.87 -9.78 -0.20
C GLU A 68 -13.62 -8.44 -0.07
N ASN A 69 -13.02 -7.38 0.52
CA ASN A 69 -13.72 -6.11 0.89
C ASN A 69 -13.32 -5.00 -0.08
N VAL A 70 -12.55 -5.30 -1.14
CA VAL A 70 -12.18 -4.31 -2.19
C VAL A 70 -13.39 -3.98 -3.09
N GLY A 71 -13.71 -2.69 -3.28
CA GLY A 71 -14.77 -2.20 -4.20
C GLY A 71 -14.29 -1.97 -5.63
N GLU A 72 -15.06 -1.26 -6.46
CA GLU A 72 -14.76 -0.98 -7.90
C GLU A 72 -13.46 -0.17 -8.02
N THR A 73 -12.44 -0.82 -8.58
CA THR A 73 -11.00 -0.40 -8.60
C THR A 73 -10.74 0.51 -9.81
N THR A 74 -11.02 1.80 -9.68
CA THR A 74 -10.73 2.79 -10.73
C THR A 74 -9.68 3.77 -10.20
N MET A 75 -10.05 4.63 -9.26
CA MET A 75 -9.20 5.77 -8.80
C MET A 75 -8.10 5.27 -7.85
N SER A 76 -8.41 4.28 -7.03
CA SER A 76 -7.55 3.84 -5.88
C SER A 76 -8.15 2.59 -5.25
N THR A 77 -7.46 2.02 -4.26
CA THR A 77 -7.96 0.82 -3.56
C THR A 77 -9.02 1.28 -2.55
N THR A 78 -10.25 0.80 -2.69
CA THR A 78 -11.40 1.18 -1.83
C THR A 78 -11.86 -0.07 -1.10
N LEU A 79 -12.09 0.02 0.21
CA LEU A 79 -12.76 -1.04 1.00
C LEU A 79 -14.26 -0.70 1.05
N VAL A 80 -15.13 -1.71 0.94
N VAL A 80 -15.12 -1.71 0.94
CA VAL A 80 -16.62 -1.52 0.92
CA VAL A 80 -16.61 -1.57 0.90
C VAL A 80 -17.29 -2.57 1.82
C VAL A 80 -17.27 -2.57 1.86
N LYS A 81 -18.39 -2.15 2.47
CA LYS A 81 -19.26 -2.99 3.32
C LYS A 81 -20.64 -2.34 3.26
N GLY A 82 -21.59 -2.96 2.59
CA GLY A 82 -22.84 -2.28 2.19
C GLY A 82 -22.54 -1.10 1.31
N ASP A 83 -23.01 0.09 1.68
CA ASP A 83 -22.86 1.33 0.86
C ASP A 83 -21.97 2.34 1.61
N VAL A 84 -21.17 1.82 2.56
CA VAL A 84 -20.06 2.55 3.26
C VAL A 84 -18.74 2.17 2.56
N LYS A 85 -17.89 3.17 2.29
CA LYS A 85 -16.58 2.96 1.62
C LYS A 85 -15.47 3.58 2.48
N VAL A 86 -14.22 3.19 2.20
CA VAL A 86 -12.99 3.90 2.64
C VAL A 86 -12.08 4.03 1.42
N ASP A 87 -11.87 5.23 0.91
CA ASP A 87 -11.09 5.46 -0.33
C ASP A 87 -9.58 5.55 -0.03
N THR A 88 -8.75 5.05 -0.94
CA THR A 88 -7.30 5.35 -1.01
C THR A 88 -6.61 4.84 0.26
N VAL A 89 -6.68 3.52 0.47
CA VAL A 89 -6.06 2.79 1.62
C VAL A 89 -4.61 2.37 1.32
N GLU A 90 -4.17 2.37 0.07
CA GLU A 90 -2.98 1.61 -0.36
C GLU A 90 -1.67 2.18 0.23
N HIS A 91 -1.60 3.48 0.48
CA HIS A 91 -0.36 4.15 0.97
C HIS A 91 -0.16 3.77 2.45
N LEU A 92 -1.22 3.84 3.23
CA LEU A 92 -1.12 3.54 4.68
C LEU A 92 -0.83 2.06 4.84
N LEU A 93 -1.49 1.24 4.02
CA LEU A 93 -1.33 -0.23 4.05
C LEU A 93 0.10 -0.59 3.61
N SER A 94 0.65 0.13 2.63
CA SER A 94 2.07 0.07 2.20
C SER A 94 3.01 0.26 3.42
N ALA A 95 2.81 1.35 4.18
CA ALA A 95 3.61 1.76 5.36
C ALA A 95 3.60 0.64 6.38
N MET A 96 2.40 0.15 6.69
CA MET A 96 2.20 -0.92 7.70
C MET A 96 2.87 -2.23 7.28
N ALA A 97 2.78 -2.60 6.00
CA ALA A 97 3.46 -3.77 5.42
C ALA A 97 4.98 -3.64 5.63
N GLY A 98 5.58 -2.52 5.22
CA GLY A 98 7.03 -2.26 5.27
C GLY A 98 7.58 -2.35 6.69
N LEU A 99 6.79 -2.01 7.71
CA LEU A 99 7.22 -2.05 9.13
C LEU A 99 6.78 -3.37 9.78
N GLY A 100 6.04 -4.21 9.07
CA GLY A 100 5.65 -5.54 9.55
C GLY A 100 4.57 -5.47 10.61
N ILE A 101 3.59 -4.60 10.43
CA ILE A 101 2.46 -4.51 11.39
C ILE A 101 1.35 -5.47 11.00
N ASP A 102 1.03 -6.37 11.93
CA ASP A 102 -0.01 -7.42 11.80
C ASP A 102 -1.35 -6.84 12.23
N ASN A 103 -1.40 -6.16 13.38
CA ASN A 103 -2.68 -5.86 14.09
C ASN A 103 -2.76 -4.36 14.39
N ALA A 104 -3.85 -3.73 13.98
CA ALA A 104 -4.10 -2.27 14.18
C ALA A 104 -5.51 -1.92 13.72
N TYR A 105 -6.06 -0.90 14.40
CA TYR A 105 -7.35 -0.26 14.11
C TYR A 105 -7.00 1.06 13.45
N VAL A 106 -7.56 1.30 12.26
CA VAL A 106 -7.42 2.61 11.54
C VAL A 106 -8.78 3.32 11.66
N GLU A 107 -8.87 4.30 12.56
CA GLU A 107 -10.09 5.15 12.73
C GLU A 107 -9.99 6.34 11.78
N LEU A 108 -11.09 6.64 11.08
CA LEU A 108 -11.21 7.82 10.17
C LEU A 108 -12.49 8.57 10.50
N SER A 109 -12.43 9.90 10.49
CA SER A 109 -13.62 10.79 10.63
C SER A 109 -14.28 11.03 9.27
N ALA A 110 -13.91 10.30 8.20
CA ALA A 110 -14.51 10.50 6.84
C ALA A 110 -14.17 9.33 5.90
N SER A 111 -14.70 9.39 4.67
CA SER A 111 -14.73 8.32 3.64
C SER A 111 -13.32 8.00 3.09
N GLU A 112 -12.40 8.94 3.14
CA GLU A 112 -11.09 8.81 2.47
C GLU A 112 -9.97 8.95 3.50
N VAL A 113 -8.96 8.09 3.43
CA VAL A 113 -7.63 8.20 4.12
C VAL A 113 -6.95 9.45 3.63
N PRO A 114 -6.33 10.25 4.52
CA PRO A 114 -5.64 11.47 4.10
C PRO A 114 -4.43 11.15 3.20
N ILE A 115 -4.15 12.04 2.25
CA ILE A 115 -3.08 11.82 1.24
C ILE A 115 -1.72 12.19 1.84
N MET A 116 -1.68 13.16 2.76
CA MET A 116 -0.43 13.61 3.44
C MET A 116 0.46 14.25 2.36
N ASP A 117 1.66 13.73 2.09
CA ASP A 117 2.57 14.28 1.04
C ASP A 117 2.51 13.50 -0.30
N GLY A 118 1.62 12.49 -0.43
CA GLY A 118 1.51 11.62 -1.62
C GLY A 118 2.25 10.30 -1.45
N SER A 119 3.13 10.19 -0.47
CA SER A 119 4.01 9.01 -0.23
C SER A 119 3.51 8.29 1.02
N ALA A 120 4.21 7.23 1.43
CA ALA A 120 3.96 6.46 2.68
C ALA A 120 4.76 7.04 3.87
N GLY A 121 5.59 8.07 3.64
CA GLY A 121 6.67 8.47 4.57
C GLY A 121 6.11 9.04 5.87
N PRO A 122 5.16 10.00 5.76
CA PRO A 122 4.44 10.50 6.94
C PRO A 122 3.87 9.33 7.78
N PHE A 123 3.21 8.37 7.13
CA PHE A 123 2.64 7.17 7.80
C PHE A 123 3.74 6.35 8.46
N VAL A 124 4.84 6.12 7.77
CA VAL A 124 5.95 5.32 8.35
C VAL A 124 6.52 6.05 9.58
N PHE A 125 6.63 7.37 9.51
CA PHE A 125 7.20 8.16 10.65
C PHE A 125 6.26 8.03 11.84
N LEU A 126 4.98 8.34 11.64
CA LEU A 126 3.93 8.24 12.70
C LEU A 126 4.01 6.87 13.38
N ILE A 127 4.19 5.81 12.61
CA ILE A 127 4.22 4.44 13.19
C ILE A 127 5.48 4.26 14.05
N GLN A 128 6.65 4.63 13.56
CA GLN A 128 7.92 4.38 14.30
C GLN A 128 8.04 5.32 15.51
N SER A 129 7.52 6.55 15.42
CA SER A 129 7.39 7.52 16.54
C SER A 129 6.63 6.89 17.72
N ALA A 130 5.43 6.38 17.45
CA ALA A 130 4.58 5.62 18.39
C ALA A 130 5.34 4.41 18.94
N GLY A 131 6.11 3.73 18.10
CA GLY A 131 6.83 2.50 18.46
C GLY A 131 5.99 1.27 18.16
N LEU A 132 6.62 0.10 18.13
CA LEU A 132 5.96 -1.20 17.90
C LEU A 132 6.13 -2.09 19.12
N GLN A 133 5.18 -3.01 19.29
CA GLN A 133 5.12 -3.96 20.42
C GLN A 133 5.00 -5.38 19.85
N GLU A 134 5.93 -6.28 20.23
CA GLU A 134 5.80 -7.74 19.97
C GLU A 134 4.66 -8.29 20.83
N GLN A 135 3.91 -9.24 20.28
CA GLN A 135 2.78 -9.92 20.95
C GLN A 135 3.08 -11.42 20.99
N GLU A 136 2.58 -12.12 22.00
CA GLU A 136 2.80 -13.58 22.22
C GLU A 136 1.94 -14.40 21.25
N ALA A 137 2.32 -14.38 19.97
CA ALA A 137 1.77 -15.28 18.92
C ALA A 137 2.70 -15.24 17.70
N ALA A 138 2.86 -16.37 17.03
CA ALA A 138 3.68 -16.46 15.81
C ALA A 138 3.00 -15.62 14.73
N LYS A 139 3.82 -14.91 13.96
CA LYS A 139 3.43 -14.24 12.70
C LYS A 139 3.17 -15.36 11.69
N LYS A 140 2.13 -15.19 10.87
CA LYS A 140 1.77 -16.13 9.79
C LYS A 140 2.25 -15.49 8.49
N PHE A 141 2.86 -16.29 7.63
CA PHE A 141 3.42 -15.86 6.33
C PHE A 141 2.74 -16.70 5.24
N ILE A 142 2.29 -16.05 4.15
CA ILE A 142 1.88 -16.73 2.89
C ILE A 142 3.16 -16.91 2.05
N ARG A 143 3.58 -18.16 1.80
CA ARG A 143 4.73 -18.42 0.90
C ARG A 143 4.20 -18.86 -0.47
N ILE A 144 4.50 -18.07 -1.50
CA ILE A 144 4.33 -18.46 -2.92
C ILE A 144 5.10 -19.77 -3.19
N LYS A 145 4.40 -20.84 -3.54
CA LYS A 145 4.96 -22.17 -3.88
C LYS A 145 5.03 -22.37 -5.40
N ARG A 146 4.12 -21.73 -6.15
CA ARG A 146 3.94 -21.84 -7.63
C ARG A 146 3.91 -20.45 -8.27
N GLU A 147 4.36 -20.33 -9.50
CA GLU A 147 4.10 -19.12 -10.32
C GLU A 147 2.57 -18.96 -10.49
N VAL A 148 2.10 -17.72 -10.31
CA VAL A 148 0.69 -17.32 -10.55
C VAL A 148 0.71 -15.99 -11.28
N SER A 149 0.11 -15.92 -12.46
CA SER A 149 0.22 -14.75 -13.35
C SER A 149 -1.14 -14.39 -13.92
N VAL A 150 -1.44 -13.10 -14.04
CA VAL A 150 -2.68 -12.61 -14.72
C VAL A 150 -2.23 -11.59 -15.75
N GLU A 151 -2.93 -11.56 -16.89
CA GLU A 151 -2.76 -10.55 -17.97
C GLU A 151 -4.14 -9.99 -18.34
N GLU A 152 -4.14 -8.77 -18.90
CA GLU A 152 -5.30 -8.16 -19.58
C GLU A 152 -4.74 -7.10 -20.54
N GLY A 153 -4.95 -7.28 -21.86
CA GLY A 153 -4.29 -6.45 -22.88
C GLY A 153 -2.79 -6.50 -22.66
N ASP A 154 -2.13 -5.34 -22.66
CA ASP A 154 -0.66 -5.23 -22.55
C ASP A 154 -0.20 -5.23 -21.07
N LYS A 155 -1.09 -5.31 -20.08
CA LYS A 155 -0.73 -5.31 -18.65
C LYS A 155 -0.53 -6.74 -18.15
N ARG A 156 0.33 -6.93 -17.16
CA ARG A 156 0.61 -8.25 -16.57
C ARG A 156 1.05 -8.07 -15.12
N ALA A 157 0.69 -9.01 -14.24
CA ALA A 157 1.04 -9.00 -12.82
C ALA A 157 1.22 -10.45 -12.34
N VAL A 158 2.32 -10.73 -11.65
CA VAL A 158 2.87 -12.11 -11.46
C VAL A 158 3.38 -12.28 -10.03
N PHE A 159 3.08 -13.42 -9.40
CA PHE A 159 3.78 -13.93 -8.21
C PHE A 159 4.70 -15.07 -8.67
N VAL A 160 5.93 -15.05 -8.22
CA VAL A 160 6.96 -16.09 -8.50
C VAL A 160 7.60 -16.46 -7.17
N PRO A 161 7.79 -17.76 -6.86
CA PRO A 161 8.40 -18.18 -5.60
C PRO A 161 9.77 -17.54 -5.39
N PHE A 162 10.07 -17.18 -4.14
CA PHE A 162 11.27 -16.39 -3.78
C PHE A 162 11.47 -16.45 -2.27
N ASP A 163 12.60 -17.03 -1.88
CA ASP A 163 13.04 -17.16 -0.46
C ASP A 163 13.42 -15.76 0.04
N GLY A 164 12.41 -14.95 0.29
CA GLY A 164 12.55 -13.55 0.73
C GLY A 164 11.31 -12.76 0.35
N PHE A 165 11.41 -11.44 0.33
CA PHE A 165 10.35 -10.59 -0.26
C PHE A 165 10.97 -9.52 -1.17
N LYS A 166 10.42 -9.49 -2.39
CA LYS A 166 10.97 -8.72 -3.54
C LYS A 166 9.79 -8.28 -4.38
N VAL A 167 9.88 -7.07 -4.94
CA VAL A 167 8.90 -6.46 -5.88
C VAL A 167 9.72 -5.90 -7.04
N SER A 168 9.40 -6.25 -8.28
CA SER A 168 9.90 -5.56 -9.50
C SER A 168 8.71 -4.92 -10.20
N PHE A 169 8.93 -3.80 -10.89
CA PHE A 169 7.89 -3.11 -11.68
C PHE A 169 8.50 -2.44 -12.91
N GLU A 170 7.70 -2.32 -13.96
CA GLU A 170 8.06 -1.60 -15.19
C GLU A 170 6.82 -0.81 -15.64
N ILE A 171 7.00 0.43 -16.04
CA ILE A 171 5.93 1.25 -16.67
C ILE A 171 6.47 1.76 -18.00
N ASP A 172 5.58 2.21 -18.88
CA ASP A 172 6.00 2.73 -20.21
C ASP A 172 4.95 3.75 -20.63
N PHE A 173 5.13 5.00 -20.21
CA PHE A 173 4.37 6.17 -20.72
C PHE A 173 5.15 6.74 -21.89
N ASP A 174 4.53 6.91 -23.07
CA ASP A 174 5.11 7.64 -24.22
C ASP A 174 5.03 9.14 -23.89
N HIS A 175 6.07 9.67 -23.24
CA HIS A 175 6.06 11.02 -22.61
C HIS A 175 7.47 11.42 -22.24
N PRO A 176 7.91 12.63 -22.64
CA PRO A 176 9.29 13.10 -22.42
C PRO A 176 9.90 12.88 -21.02
N VAL A 177 9.07 12.98 -20.00
CA VAL A 177 9.45 12.89 -18.55
C VAL A 177 9.91 11.46 -18.20
N PHE A 178 9.51 10.45 -18.99
CA PHE A 178 9.87 9.02 -18.83
C PHE A 178 10.74 8.57 -20.02
N ARG A 181 13.82 9.40 -18.13
CA ARG A 181 13.87 8.85 -16.75
C ARG A 181 13.77 7.31 -16.79
N THR A 182 14.07 6.67 -15.65
CA THR A 182 14.03 5.19 -15.43
C THR A 182 12.57 4.76 -15.23
N GLN A 183 12.12 3.79 -16.03
CA GLN A 183 10.74 3.22 -15.97
C GLN A 183 10.75 1.77 -15.46
N GLN A 184 11.86 1.26 -14.89
CA GLN A 184 11.97 -0.11 -14.33
C GLN A 184 12.77 -0.05 -13.02
N ALA A 185 12.43 -0.87 -12.03
CA ALA A 185 13.14 -1.00 -10.74
C ALA A 185 12.81 -2.34 -10.09
N SER A 186 13.69 -2.81 -9.22
CA SER A 186 13.53 -4.03 -8.40
C SER A 186 14.18 -3.80 -7.05
N VAL A 187 13.54 -4.29 -6.00
CA VAL A 187 14.00 -4.07 -4.60
CA VAL A 187 14.03 -4.09 -4.61
C VAL A 187 13.85 -5.39 -3.83
N ASP A 188 14.95 -5.97 -3.34
CA ASP A 188 14.88 -7.12 -2.39
C ASP A 188 14.81 -6.47 -1.00
N PHE A 189 13.67 -6.53 -0.32
CA PHE A 189 13.45 -5.77 0.94
C PHE A 189 14.16 -6.46 2.12
N SER A 190 14.89 -7.56 1.91
CA SER A 190 15.78 -8.20 2.91
C SER A 190 17.20 -7.63 2.81
N SER A 191 17.53 -6.86 1.77
CA SER A 191 18.86 -6.24 1.59
C SER A 191 18.76 -4.76 1.18
N THR A 192 17.56 -4.23 0.94
CA THR A 192 17.29 -2.80 0.64
C THR A 192 16.19 -2.28 1.57
N SER A 193 16.34 -1.07 2.11
CA SER A 193 15.41 -0.47 3.11
C SER A 193 14.14 0.05 2.41
N PHE A 194 12.98 -0.47 2.77
CA PHE A 194 11.67 0.09 2.33
C PHE A 194 11.61 1.56 2.74
N VAL A 195 12.01 1.84 3.98
CA VAL A 195 11.90 3.19 4.60
C VAL A 195 12.69 4.14 3.70
N LYS A 196 13.95 3.81 3.42
CA LYS A 196 14.88 4.75 2.74
C LYS A 196 14.53 4.84 1.25
N GLU A 197 14.26 3.71 0.58
CA GLU A 197 14.30 3.61 -0.91
C GLU A 197 12.91 3.69 -1.55
N VAL A 198 11.82 3.38 -0.85
CA VAL A 198 10.47 3.29 -1.49
C VAL A 198 9.46 4.22 -0.80
N SER A 199 9.48 4.36 0.53
CA SER A 199 8.39 5.02 1.32
C SER A 199 8.20 6.50 0.97
N ARG A 200 9.22 7.24 0.50
CA ARG A 200 9.09 8.68 0.11
C ARG A 200 8.55 8.86 -1.33
N ALA A 201 8.39 7.78 -2.10
CA ALA A 201 7.90 7.85 -3.50
C ALA A 201 6.48 8.40 -3.57
N ARG A 202 6.27 9.47 -4.33
CA ARG A 202 5.01 10.27 -4.30
C ARG A 202 4.12 9.83 -5.47
N THR A 203 2.80 9.81 -5.26
CA THR A 203 1.77 9.70 -6.34
C THR A 203 2.06 10.76 -7.40
N PHE A 204 1.51 10.62 -8.59
CA PHE A 204 1.74 11.58 -9.72
C PHE A 204 0.53 11.64 -10.67
N GLY A 205 0.43 12.74 -11.41
CA GLY A 205 -0.74 13.09 -12.21
C GLY A 205 -0.39 14.03 -13.34
N PHE A 206 -1.02 13.82 -14.50
CA PHE A 206 -0.82 14.60 -15.74
C PHE A 206 -1.72 15.83 -15.67
N MET A 207 -1.12 17.01 -15.93
CA MET A 207 -1.80 18.31 -16.10
C MET A 207 -3.15 18.11 -16.80
N ARG A 208 -3.16 17.43 -17.96
CA ARG A 208 -4.36 17.30 -18.85
C ARG A 208 -5.45 16.50 -18.13
N ASP A 209 -5.10 15.33 -17.57
CA ASP A 209 -6.04 14.48 -16.78
C ASP A 209 -6.63 15.27 -15.60
N ILE A 210 -5.80 16.04 -14.90
CA ILE A 210 -6.18 16.67 -13.60
C ILE A 210 -7.18 17.79 -13.90
N GLU A 211 -6.97 18.51 -15.01
CA GLU A 211 -7.88 19.57 -15.52
C GLU A 211 -9.26 18.95 -15.75
N TYR A 212 -9.31 17.79 -16.43
CA TYR A 212 -10.55 17.03 -16.72
C TYR A 212 -11.20 16.51 -15.42
N LEU A 213 -10.45 15.70 -14.68
CA LEU A 213 -10.95 15.04 -13.44
C LEU A 213 -11.50 16.08 -12.45
N ARG A 214 -10.85 17.24 -12.30
CA ARG A 214 -11.31 18.32 -11.38
C ARG A 214 -12.72 18.76 -11.86
N SER A 215 -12.89 18.91 -13.18
CA SER A 215 -14.15 19.34 -13.83
C SER A 215 -15.30 18.38 -13.49
N GLN A 216 -14.99 17.11 -13.17
CA GLN A 216 -15.98 16.05 -12.81
C GLN A 216 -16.04 15.86 -11.27
N ASN A 217 -15.62 16.86 -10.50
CA ASN A 217 -15.64 16.86 -9.00
C ASN A 217 -14.79 15.71 -8.44
N LEU A 218 -13.66 15.41 -9.10
CA LEU A 218 -12.65 14.40 -8.64
C LEU A 218 -11.32 15.12 -8.38
N ALA A 219 -10.40 14.44 -7.69
CA ALA A 219 -9.09 14.97 -7.21
C ALA A 219 -9.22 16.35 -6.53
N LEU A 220 -10.24 16.55 -5.69
CA LEU A 220 -10.58 17.87 -5.08
C LEU A 220 -9.54 18.30 -4.06
N GLY A 221 -8.76 17.35 -3.51
CA GLY A 221 -7.74 17.62 -2.48
C GLY A 221 -6.32 17.57 -3.01
N GLY A 222 -6.14 17.34 -4.30
CA GLY A 222 -4.79 17.33 -4.91
C GLY A 222 -4.11 18.70 -4.87
N SER A 223 -2.78 18.68 -4.87
CA SER A 223 -1.89 19.86 -4.84
C SER A 223 -0.45 19.37 -4.97
N VAL A 224 0.46 20.24 -5.43
CA VAL A 224 1.93 19.98 -5.47
C VAL A 224 2.43 19.55 -4.08
N GLU A 225 1.74 19.96 -3.02
CA GLU A 225 2.07 19.58 -1.61
C GLU A 225 1.88 18.07 -1.41
N ASN A 226 1.06 17.37 -2.23
CA ASN A 226 0.78 15.91 -2.08
C ASN A 226 0.88 15.13 -3.41
N ALA A 227 1.25 15.76 -4.54
CA ALA A 227 1.37 15.03 -5.82
C ALA A 227 2.47 15.63 -6.69
N ILE A 228 3.13 14.79 -7.47
CA ILE A 228 3.98 15.24 -8.60
C ILE A 228 3.03 15.57 -9.75
N VAL A 229 3.05 16.82 -10.22
CA VAL A 229 2.24 17.32 -11.37
C VAL A 229 3.14 17.42 -12.60
N VAL A 230 2.64 16.98 -13.74
CA VAL A 230 3.45 16.76 -14.97
C VAL A 230 2.62 17.21 -16.17
N ASP A 231 3.15 18.15 -16.96
CA ASP A 231 2.58 18.58 -18.27
C ASP A 231 3.19 17.66 -19.33
N GLU A 232 3.40 18.11 -20.57
CA GLU A 232 3.92 17.22 -21.66
C GLU A 232 5.42 16.93 -21.44
N ASN A 233 6.14 17.82 -20.74
CA ASN A 233 7.62 17.94 -20.84
C ASN A 233 8.36 17.85 -19.49
N ARG A 234 7.79 18.36 -18.40
CA ARG A 234 8.55 18.48 -17.13
C ARG A 234 7.62 18.37 -15.92
N VAL A 235 8.19 17.95 -14.80
CA VAL A 235 7.60 18.05 -13.44
C VAL A 235 7.39 19.54 -13.17
N LEU A 236 6.17 19.95 -12.86
CA LEU A 236 5.88 21.37 -12.54
C LEU A 236 6.29 21.65 -11.09
N ASN A 237 6.37 20.63 -10.25
CA ASN A 237 6.80 20.78 -8.83
C ASN A 237 8.14 21.48 -8.79
N GLU A 238 8.21 22.61 -8.09
CA GLU A 238 9.37 23.54 -8.04
C GLU A 238 10.63 22.85 -7.49
N ASP A 239 10.51 21.96 -6.51
CA ASP A 239 11.69 21.32 -5.86
C ASP A 239 11.94 19.94 -6.48
N GLY A 240 11.18 19.58 -7.52
CA GLY A 240 11.46 18.44 -8.43
C GLY A 240 11.12 17.10 -7.83
N LEU A 241 11.93 16.06 -8.09
CA LEU A 241 11.69 14.65 -7.64
C LEU A 241 12.56 14.31 -6.43
N ARG A 242 12.13 13.32 -5.66
CA ARG A 242 12.91 12.76 -4.52
C ARG A 242 13.84 11.66 -4.98
N TYR A 243 13.52 11.00 -6.10
CA TYR A 243 14.28 9.87 -6.71
C TYR A 243 14.32 10.07 -8.22
N GLU A 244 15.44 9.77 -8.86
CA GLU A 244 15.53 9.70 -10.36
C GLU A 244 14.31 8.92 -10.88
N ASP A 245 13.97 7.83 -10.19
CA ASP A 245 12.94 6.83 -10.58
C ASP A 245 11.72 6.87 -9.62
N GLU A 246 11.25 8.05 -9.26
CA GLU A 246 10.15 8.21 -8.28
C GLU A 246 8.87 7.51 -8.77
N PHE A 247 8.50 7.72 -10.03
CA PHE A 247 7.23 7.22 -10.65
C PHE A 247 7.15 5.70 -10.51
N VAL A 248 8.14 4.96 -11.02
CA VAL A 248 8.09 3.47 -10.93
C VAL A 248 8.20 3.07 -9.47
N LYS A 249 8.89 3.87 -8.62
CA LYS A 249 9.09 3.57 -7.18
C LYS A 249 7.74 3.67 -6.45
N HIS A 250 6.91 4.60 -6.85
CA HIS A 250 5.55 4.76 -6.28
C HIS A 250 4.66 3.56 -6.70
N LYS A 251 4.77 3.09 -7.94
CA LYS A 251 4.03 1.90 -8.40
C LYS A 251 4.37 0.72 -7.46
N ILE A 252 5.63 0.58 -7.09
CA ILE A 252 6.08 -0.52 -6.17
C ILE A 252 5.38 -0.30 -4.82
N LEU A 253 5.32 0.96 -4.40
CA LEU A 253 4.75 1.34 -3.07
C LEU A 253 3.28 0.95 -3.05
N ASP A 254 2.53 1.33 -4.11
CA ASP A 254 1.09 0.97 -4.30
C ASP A 254 0.93 -0.55 -4.32
N ALA A 255 1.76 -1.26 -5.09
CA ALA A 255 1.73 -2.74 -5.16
C ALA A 255 1.87 -3.35 -3.75
N ILE A 256 2.80 -2.85 -2.91
CA ILE A 256 3.07 -3.41 -1.56
C ILE A 256 1.83 -3.26 -0.68
N GLY A 257 1.12 -2.12 -0.81
CA GLY A 257 -0.16 -1.88 -0.13
C GLY A 257 -1.23 -2.88 -0.53
N ASP A 258 -1.47 -3.03 -1.85
CA ASP A 258 -2.50 -3.94 -2.40
C ASP A 258 -2.17 -5.37 -1.97
N LEU A 259 -0.91 -5.78 -2.03
CA LEU A 259 -0.50 -7.15 -1.60
C LEU A 259 -0.92 -7.38 -0.15
N TYR A 260 -0.94 -6.35 0.71
CA TYR A 260 -1.19 -6.51 2.17
C TYR A 260 -2.65 -6.87 2.46
N LEU A 261 -3.55 -6.57 1.54
CA LEU A 261 -4.96 -7.07 1.55
C LEU A 261 -5.04 -8.61 1.57
N LEU A 262 -3.94 -9.37 1.36
CA LEU A 262 -3.89 -10.84 1.60
C LEU A 262 -4.13 -11.14 3.08
N GLY A 263 -3.84 -10.19 3.99
CA GLY A 263 -4.06 -10.30 5.44
C GLY A 263 -2.94 -11.04 6.15
N ASN A 264 -1.92 -11.46 5.40
CA ASN A 264 -0.68 -12.10 5.92
C ASN A 264 0.52 -11.57 5.11
N SER A 265 1.70 -11.46 5.72
CA SER A 265 2.96 -11.09 5.02
C SER A 265 3.35 -12.19 4.04
N LEU A 266 4.01 -11.79 2.96
CA LEU A 266 4.34 -12.64 1.78
C LEU A 266 5.81 -13.04 1.78
N ILE A 267 6.11 -14.33 1.60
CA ILE A 267 7.44 -14.87 1.14
C ILE A 267 7.34 -15.14 -0.37
N GLY A 268 7.97 -14.34 -1.22
CA GLY A 268 7.81 -14.49 -2.66
C GLY A 268 8.16 -13.20 -3.35
N GLU A 269 7.90 -13.12 -4.65
CA GLU A 269 8.27 -11.97 -5.49
C GLU A 269 7.03 -11.52 -6.26
N PHE A 270 6.84 -10.22 -6.45
CA PHE A 270 5.76 -9.67 -7.32
C PHE A 270 6.43 -8.95 -8.49
N ARG A 271 5.94 -9.20 -9.70
CA ARG A 271 6.41 -8.52 -10.93
C ARG A 271 5.20 -7.84 -11.59
N GLY A 272 5.27 -6.52 -11.76
CA GLY A 272 4.26 -5.73 -12.46
C GLY A 272 4.78 -5.19 -13.77
N PHE A 273 3.99 -5.31 -14.83
CA PHE A 273 4.23 -4.71 -16.16
C PHE A 273 3.00 -3.87 -16.51
N LYS A 274 3.10 -2.55 -16.24
CA LYS A 274 2.07 -1.51 -16.53
C LYS A 274 0.82 -1.83 -15.72
N SER A 275 0.98 -2.57 -14.61
CA SER A 275 -0.14 -3.07 -13.76
C SER A 275 -0.73 -1.90 -12.94
N GLY A 276 -1.82 -2.16 -12.19
CA GLY A 276 -2.54 -1.19 -11.34
C GLY A 276 -3.42 -1.88 -10.30
N HIS A 277 -4.28 -1.15 -9.59
CA HIS A 277 -5.08 -1.69 -8.46
C HIS A 277 -5.95 -2.87 -8.95
N ALA A 278 -6.66 -2.68 -10.08
CA ALA A 278 -7.61 -3.65 -10.68
C ALA A 278 -6.93 -5.02 -10.92
N LEU A 279 -5.84 -5.03 -11.71
CA LEU A 279 -5.11 -6.29 -12.03
C LEU A 279 -4.33 -6.78 -10.80
N ASN A 280 -3.87 -5.90 -9.91
CA ASN A 280 -3.19 -6.35 -8.66
C ASN A 280 -4.23 -7.13 -7.85
N ASN A 281 -5.49 -6.69 -7.90
CA ASN A 281 -6.63 -7.31 -7.16
C ASN A 281 -7.00 -8.66 -7.81
N GLN A 282 -7.01 -8.75 -9.14
CA GLN A 282 -7.24 -10.02 -9.91
C GLN A 282 -6.18 -11.03 -9.47
N LEU A 283 -4.91 -10.62 -9.43
CA LEU A 283 -3.78 -11.49 -9.00
C LEU A 283 -4.04 -11.97 -7.57
N LEU A 284 -4.45 -11.08 -6.68
CA LEU A 284 -4.74 -11.48 -5.27
C LEU A 284 -5.79 -12.60 -5.27
N ARG A 285 -6.92 -12.35 -5.92
CA ARG A 285 -8.08 -13.28 -6.00
C ARG A 285 -7.60 -14.60 -6.61
N THR A 286 -6.88 -14.54 -7.72
CA THR A 286 -6.39 -15.76 -8.43
C THR A 286 -5.46 -16.56 -7.51
N LEU A 287 -4.69 -15.87 -6.65
CA LEU A 287 -3.69 -16.54 -5.77
C LEU A 287 -4.44 -17.25 -4.65
N ILE A 288 -5.30 -16.52 -3.96
CA ILE A 288 -6.15 -17.03 -2.84
C ILE A 288 -6.90 -18.28 -3.33
N ALA A 289 -7.57 -18.18 -4.49
CA ALA A 289 -8.33 -19.25 -5.18
C ALA A 289 -7.51 -20.53 -5.48
N ASP A 290 -6.20 -20.44 -5.73
CA ASP A 290 -5.39 -21.61 -6.15
C ASP A 290 -4.53 -22.03 -4.96
N LYS A 291 -5.13 -22.75 -4.02
CA LYS A 291 -4.43 -23.14 -2.77
C LYS A 291 -3.22 -24.01 -3.13
N ASP A 292 -3.14 -24.51 -4.36
CA ASP A 292 -1.94 -25.31 -4.76
C ASP A 292 -0.73 -24.38 -4.81
N ALA A 293 -0.93 -23.09 -5.06
CA ALA A 293 0.15 -22.12 -5.32
C ALA A 293 0.77 -21.57 -4.03
N TRP A 294 0.15 -21.68 -2.86
CA TRP A 294 0.66 -21.07 -1.59
C TRP A 294 0.35 -21.94 -0.37
N GLU A 295 1.04 -21.64 0.72
CA GLU A 295 0.94 -22.32 2.04
C GLU A 295 1.16 -21.24 3.10
N VAL A 296 0.59 -21.40 4.29
CA VAL A 296 0.82 -20.51 5.47
C VAL A 296 1.90 -21.15 6.32
N VAL A 297 3.00 -20.43 6.58
CA VAL A 297 4.14 -20.92 7.41
C VAL A 297 4.38 -19.96 8.57
N THR A 298 4.85 -20.47 9.69
CA THR A 298 5.44 -19.73 10.84
C THR A 298 6.90 -20.15 10.96
N PHE A 299 7.65 -19.54 11.88
CA PHE A 299 9.11 -19.67 12.03
C PHE A 299 9.48 -19.69 13.51
N GLU A 300 9.92 -20.86 14.02
CA GLU A 300 10.38 -21.03 15.42
C GLU A 300 11.73 -20.31 15.60
N ASP A 301 12.37 -19.87 14.52
CA ASP A 301 13.74 -19.28 14.57
C ASP A 301 13.93 -18.22 13.48
N ALA A 302 13.96 -16.95 13.87
CA ALA A 302 14.21 -15.79 12.99
C ALA A 302 15.55 -15.91 12.25
N ARG A 303 16.58 -16.47 12.91
CA ARG A 303 17.98 -16.54 12.42
C ARG A 303 18.05 -17.33 11.12
N THR A 304 17.09 -18.23 10.89
CA THR A 304 17.01 -19.13 9.72
C THR A 304 15.76 -18.85 8.86
N ALA A 305 15.15 -17.67 8.99
CA ALA A 305 13.99 -17.25 8.17
C ALA A 305 14.50 -16.54 6.92
N PRO A 306 13.80 -16.66 5.77
CA PRO A 306 14.23 -16.03 4.53
C PRO A 306 14.06 -14.50 4.47
N ILE A 307 13.10 -13.97 5.23
CA ILE A 307 12.92 -12.50 5.44
C ILE A 307 13.29 -12.17 6.88
N SER A 308 13.65 -10.90 7.12
CA SER A 308 14.02 -10.34 8.44
C SER A 308 13.20 -9.07 8.70
N TYR A 309 13.02 -8.71 9.98
CA TYR A 309 12.36 -7.46 10.44
C TYR A 309 13.36 -6.62 11.26
N MET A 310 13.12 -5.31 11.32
CA MET A 310 13.81 -4.35 12.23
C MET A 310 13.57 -4.81 13.67
N ARG A 311 14.44 -4.44 14.61
CA ARG A 311 14.13 -4.48 16.07
C ARG A 311 12.87 -3.65 16.28
N PRO A 312 12.01 -3.97 17.28
CA PRO A 312 10.78 -3.21 17.48
C PRO A 312 11.04 -1.78 17.98
ZN ZN B . -0.29 5.57 -4.97
C4 98O C . -1.16 7.82 -11.08
C6 98O C . -0.73 5.44 -11.02
N1 98O C . -1.51 5.62 -8.71
C2 98O C . -0.46 6.01 -9.63
C3 98O C . -0.40 7.52 -9.79
N5 98O C . -1.04 6.59 -11.85
C7 98O C . -2.62 8.11 -10.76
N8 98O C . -2.74 9.48 -10.32
C9 98O C . -3.82 9.98 -9.73
O10 98O C . -4.81 9.30 -9.52
C11 98O C . -3.81 11.44 -9.35
C12 98O C . -2.72 12.05 -8.75
C13 98O C . -2.76 13.40 -8.43
C14 98O C . -3.88 14.19 -8.69
C15 98O C . -5.00 13.62 -9.30
C16 98O C . -5.01 12.28 -9.64
C17 98O C . -1.18 6.57 -13.17
O18 98O C . -0.82 5.62 -13.84
C19 98O C . -1.81 7.76 -13.83
C20 98O C . -2.89 7.46 -14.88
C21 98O C . -1.51 7.94 -15.31
CL25 98O C . -6.44 11.54 -10.42
C26 98O C . -1.45 5.87 -7.41
O27 98O C . -0.52 6.44 -6.87
C28 98O C . -2.60 5.39 -6.58
N29 98O C . -2.42 5.81 -5.19
C30 98O C . -3.14 7.09 -4.99
C31 98O C . -3.97 7.34 -6.25
C32 98O C . -3.89 6.05 -7.06
F33 98O C . -3.44 8.36 -6.98
C34 98O C . -3.90 15.44 -8.38
C35 98O C . -3.86 16.63 -8.27
C36 98O C . -3.78 17.91 -8.32
C37 98O C . -2.52 18.49 -8.23
C38 98O C . -2.37 19.87 -8.29
C39 98O C . -3.48 20.70 -8.43
C40 98O C . -4.75 20.11 -8.52
C41 98O C . -4.89 18.73 -8.46
C42 98O C . -3.27 22.19 -8.50
N43 98O C . -4.05 22.98 -7.52
C44 98O C . -3.53 24.36 -7.57
C45 98O C . -4.20 25.23 -6.50
O46 98O C . -4.00 24.64 -5.21
C47 98O C . -4.57 23.33 -5.15
C48 98O C . -3.89 22.42 -6.17
#